data_2AJH
#
_entry.id   2AJH
#
_cell.length_a   111.518
_cell.length_b   111.518
_cell.length_c   134.931
_cell.angle_alpha   90.00
_cell.angle_beta   90.00
_cell.angle_gamma   120.00
#
_symmetry.space_group_name_H-M   'P 63 2 2'
#
loop_
_entity.id
_entity.type
_entity.pdbx_description
1 polymer 'Leucyl-tRNA synthetase'
2 non-polymer METHIONINE
3 water water
#
_entity_poly.entity_id   1
_entity_poly.type   'polypeptide(L)'
_entity_poly.pdbx_seq_one_letter_code
;MHHHHHHAMGEGVEITFNVNDYDNTLTVYTTRPDTFMGCTYLAVAAGHPLAQKAAENNPELAAFIDECRNTKVAEAEMAT
MEKKGVDTGFKAVHPLTGEEIPVWAANFVLMEYGTGAVMAVPGHDQRDYEFASKYGLNIKPVILAADGSEPDLSQQALTE
KGVLFNSGEFNGLDHEAAFNAIADKLTAMGVGERKV
;
_entity_poly.pdbx_strand_id   A,B
#
# COMPACT_ATOMS: atom_id res chain seq x y z
N GLU A 11 21.35 0.04 9.54
CA GLU A 11 20.75 -1.24 10.05
C GLU A 11 19.77 -1.90 9.04
N GLY A 12 20.15 -3.09 8.60
CA GLY A 12 19.33 -3.91 7.74
C GLY A 12 19.65 -5.37 8.00
N VAL A 13 19.33 -6.25 7.06
CA VAL A 13 19.51 -7.69 7.24
C VAL A 13 20.06 -8.34 5.95
N GLU A 14 20.97 -9.31 6.09
CA GLU A 14 21.27 -10.20 4.98
C GLU A 14 20.37 -11.42 5.09
N ILE A 15 19.86 -11.87 3.94
CA ILE A 15 18.91 -12.95 3.89
C ILE A 15 19.33 -13.95 2.84
N THR A 16 19.34 -15.21 3.25
CA THR A 16 19.90 -16.26 2.43
C THR A 16 18.79 -17.19 1.97
N PHE A 17 18.70 -17.38 0.66
CA PHE A 17 17.73 -18.26 0.05
C PHE A 17 18.45 -19.47 -0.47
N ASN A 18 17.81 -20.63 -0.41
CA ASN A 18 18.27 -21.78 -1.17
C ASN A 18 17.61 -21.67 -2.51
N VAL A 19 18.25 -22.28 -3.51
CA VAL A 19 17.81 -22.28 -4.88
C VAL A 19 17.83 -23.73 -5.38
N ASN A 20 16.66 -24.23 -5.79
CA ASN A 20 16.52 -25.55 -6.38
C ASN A 20 17.46 -25.77 -7.58
N ASP A 21 18.15 -26.91 -7.61
CA ASP A 21 19.03 -27.31 -8.73
C ASP A 21 20.21 -26.39 -8.95
N TYR A 22 20.77 -25.90 -7.84
CA TYR A 22 21.87 -24.94 -7.85
C TYR A 22 22.69 -25.14 -6.56
N ASP A 23 23.99 -25.43 -6.68
CA ASP A 23 24.83 -25.89 -5.54
C ASP A 23 25.14 -24.84 -4.47
N ASN A 24 25.08 -23.57 -4.87
CA ASN A 24 25.27 -22.45 -3.97
C ASN A 24 23.94 -21.97 -3.37
N THR A 25 24.01 -20.88 -2.60
CA THR A 25 22.81 -20.20 -2.15
C THR A 25 22.75 -18.82 -2.80
N LEU A 26 21.68 -18.06 -2.54
CA LEU A 26 21.61 -16.66 -2.94
C LEU A 26 21.51 -15.85 -1.69
N THR A 27 22.23 -14.75 -1.61
CA THR A 27 22.17 -13.92 -0.44
C THR A 27 21.79 -12.49 -0.82
N VAL A 28 20.89 -11.89 -0.04
CA VAL A 28 20.39 -10.55 -0.33
C VAL A 28 20.55 -9.64 0.90
N TYR A 29 20.78 -8.35 0.63
CA TYR A 29 20.73 -7.36 1.67
C TYR A 29 19.45 -6.55 1.54
N THR A 30 18.79 -6.25 2.65
CA THR A 30 17.70 -5.27 2.62
C THR A 30 17.63 -4.49 3.90
N THR A 31 17.04 -3.29 3.86
CA THR A 31 16.85 -2.43 5.03
C THR A 31 15.37 -2.42 5.38
N ARG A 32 14.62 -3.30 4.69
CA ARG A 32 13.20 -3.44 4.89
C ARG A 32 12.77 -4.92 5.02
N PRO A 33 13.28 -5.62 6.06
CA PRO A 33 12.78 -6.96 6.38
C PRO A 33 11.28 -6.97 6.64
N ASP A 34 10.71 -5.84 7.00
CA ASP A 34 9.30 -5.81 7.33
C ASP A 34 8.43 -6.15 6.11
N THR A 35 8.91 -5.87 4.90
CA THR A 35 8.11 -6.20 3.70
C THR A 35 8.38 -7.61 3.17
N PHE A 36 9.29 -8.31 3.82
CA PHE A 36 9.78 -9.58 3.33
C PHE A 36 8.73 -10.60 2.95
N MET A 37 7.51 -10.50 3.50
CA MET A 37 6.43 -11.45 3.18
C MET A 37 5.85 -11.11 1.84
N GLY A 38 6.17 -9.89 1.38
CA GLY A 38 5.73 -9.40 0.09
C GLY A 38 6.73 -9.67 -1.00
N CYS A 39 7.83 -10.35 -0.68
CA CYS A 39 8.84 -10.68 -1.68
C CYS A 39 8.30 -11.71 -2.68
N THR A 40 8.14 -11.29 -3.94
CA THR A 40 7.57 -12.18 -4.96
C THR A 40 8.52 -12.65 -6.05
N TYR A 41 9.78 -12.19 -6.01
CA TYR A 41 10.84 -12.64 -6.90
C TYR A 41 12.19 -12.10 -6.46
N LEU A 42 13.25 -12.67 -7.01
CA LEU A 42 14.61 -12.22 -6.69
C LEU A 42 15.23 -11.69 -7.94
N ALA A 43 16.07 -10.66 -7.79
CA ALA A 43 16.79 -10.06 -8.93
C ALA A 43 18.30 -10.08 -8.70
N VAL A 44 19.02 -10.64 -9.68
CA VAL A 44 20.48 -10.77 -9.61
C VAL A 44 21.16 -9.95 -10.70
N ALA A 45 22.37 -9.46 -10.38
CA ALA A 45 23.16 -8.77 -11.35
C ALA A 45 23.53 -9.70 -12.53
N ALA A 46 23.63 -9.10 -13.72
CA ALA A 46 24.10 -9.80 -14.91
C ALA A 46 25.43 -10.53 -14.68
N GLY A 47 26.33 -9.91 -13.90
CA GLY A 47 27.62 -10.52 -13.60
C GLY A 47 27.60 -11.54 -12.47
N HIS A 48 26.42 -11.95 -12.01
CA HIS A 48 26.29 -12.80 -10.84
C HIS A 48 26.42 -14.26 -11.22
N PRO A 49 27.14 -15.02 -10.42
CA PRO A 49 27.35 -16.47 -10.67
C PRO A 49 26.11 -17.29 -11.07
N LEU A 50 24.95 -17.01 -10.47
CA LEU A 50 23.71 -17.74 -10.75
C LEU A 50 23.25 -17.36 -12.14
N ALA A 51 23.37 -16.08 -12.47
CA ALA A 51 22.99 -15.64 -13.79
C ALA A 51 23.85 -16.29 -14.87
N GLN A 52 25.14 -16.50 -14.59
CA GLN A 52 26.00 -17.13 -15.58
C GLN A 52 25.96 -18.67 -15.56
N LYS A 53 25.71 -19.30 -14.42
CA LYS A 53 25.37 -20.72 -14.46
C LYS A 53 24.16 -21.00 -15.35
N ALA A 54 23.24 -20.04 -15.44
CA ALA A 54 22.01 -20.22 -16.21
C ALA A 54 22.25 -19.83 -17.65
N ALA A 55 23.11 -18.83 -17.84
CA ALA A 55 23.55 -18.42 -19.18
C ALA A 55 24.02 -19.60 -20.03
N GLU A 56 24.61 -20.60 -19.37
CA GLU A 56 25.11 -21.82 -20.01
C GLU A 56 24.10 -22.53 -20.91
N ASN A 57 22.84 -22.57 -20.51
CA ASN A 57 21.83 -23.23 -21.33
C ASN A 57 20.75 -22.25 -21.79
N ASN A 58 21.14 -20.97 -21.98
CA ASN A 58 20.21 -19.87 -22.34
C ASN A 58 20.81 -18.70 -23.14
N PRO A 59 20.60 -18.69 -24.46
CA PRO A 59 21.18 -17.66 -25.34
C PRO A 59 20.58 -16.27 -25.15
N GLU A 60 19.26 -16.19 -24.89
CA GLU A 60 18.64 -14.92 -24.49
C GLU A 60 19.43 -14.28 -23.33
N LEU A 61 19.69 -15.04 -22.27
CA LEU A 61 20.52 -14.57 -21.18
C LEU A 61 21.97 -14.31 -21.56
N ALA A 62 22.54 -15.10 -22.48
CA ALA A 62 23.90 -14.82 -22.93
C ALA A 62 23.92 -13.44 -23.60
N ALA A 63 22.91 -13.15 -24.40
CA ALA A 63 22.85 -11.86 -25.12
C ALA A 63 22.68 -10.72 -24.12
N PHE A 64 21.67 -10.86 -23.25
CA PHE A 64 21.38 -9.92 -22.19
C PHE A 64 22.61 -9.60 -21.35
N ILE A 65 23.38 -10.63 -21.00
CA ILE A 65 24.54 -10.43 -20.15
C ILE A 65 25.60 -9.60 -20.87
N ASP A 66 25.77 -9.84 -22.16
CA ASP A 66 26.71 -9.07 -22.98
C ASP A 66 26.24 -7.65 -23.19
N GLU A 67 24.94 -7.47 -23.44
CA GLU A 67 24.35 -6.13 -23.56
C GLU A 67 24.63 -5.30 -22.32
N CYS A 68 24.53 -5.92 -21.14
CA CYS A 68 24.74 -5.27 -19.84
C CYS A 68 26.21 -4.93 -19.59
N ARG A 69 27.12 -5.86 -19.92
CA ARG A 69 28.57 -5.66 -19.81
C ARG A 69 29.04 -4.41 -20.54
N ASN A 70 28.22 -3.92 -21.46
CA ASN A 70 28.52 -2.70 -22.20
C ASN A 70 28.00 -1.47 -21.52
N THR A 71 26.73 -1.51 -21.12
CA THR A 71 26.09 -0.38 -20.45
C THR A 71 26.59 -0.20 -19.02
N LYS A 72 27.43 0.79 -18.80
CA LYS A 72 27.93 1.05 -17.46
C LYS A 72 26.84 1.75 -16.65
N VAL A 73 25.92 0.96 -16.09
CA VAL A 73 24.77 1.49 -15.33
C VAL A 73 25.18 2.04 -13.98
N ALA A 74 24.93 3.33 -13.77
CA ALA A 74 25.29 4.00 -12.54
C ALA A 74 24.05 4.18 -11.70
N GLU A 75 24.18 3.92 -10.40
CA GLU A 75 23.06 3.92 -9.49
C GLU A 75 22.21 5.17 -9.59
N ALA A 76 22.85 6.34 -9.65
CA ALA A 76 22.14 7.62 -9.73
C ALA A 76 21.38 7.85 -11.04
N GLU A 77 21.80 7.13 -12.09
CA GLU A 77 21.17 7.21 -13.41
C GLU A 77 19.99 6.24 -13.61
N MET A 78 19.51 5.62 -12.52
CA MET A 78 18.62 4.46 -12.66
C MET A 78 17.14 4.77 -12.68
N ALA A 79 16.73 5.84 -12.00
CA ALA A 79 15.36 6.28 -12.10
C ALA A 79 15.06 6.77 -13.53
N THR A 80 16.07 6.70 -14.41
CA THR A 80 16.02 7.25 -15.77
C THR A 80 16.02 6.16 -16.83
N MET A 81 16.78 5.09 -16.59
CA MET A 81 17.06 4.07 -17.58
C MET A 81 15.87 3.15 -17.77
N GLU A 82 15.74 2.59 -18.97
CA GLU A 82 14.78 1.53 -19.18
C GLU A 82 15.23 0.32 -18.40
N LYS A 83 14.36 -0.17 -17.54
CA LYS A 83 14.71 -1.34 -16.76
C LYS A 83 14.52 -2.57 -17.62
N LYS A 84 15.45 -3.51 -17.51
CA LYS A 84 15.46 -4.65 -18.40
C LYS A 84 15.87 -5.87 -17.60
N GLY A 85 15.35 -7.03 -18.00
CA GLY A 85 15.74 -8.26 -17.36
C GLY A 85 15.26 -9.53 -18.05
N VAL A 86 15.73 -10.69 -17.55
CA VAL A 86 15.39 -12.01 -18.11
C VAL A 86 15.23 -13.02 -17.00
N ASP A 87 14.26 -13.91 -17.19
CA ASP A 87 14.00 -14.98 -16.27
C ASP A 87 15.16 -15.96 -16.37
N THR A 88 15.82 -16.26 -15.26
CA THR A 88 16.97 -17.17 -15.25
C THR A 88 16.52 -18.61 -15.33
N GLY A 89 15.30 -18.87 -14.90
CA GLY A 89 14.77 -20.21 -14.95
C GLY A 89 14.84 -20.80 -13.57
N PHE A 90 15.88 -20.46 -12.82
CA PHE A 90 16.02 -20.90 -11.44
C PHE A 90 14.90 -20.37 -10.54
N LYS A 91 14.47 -21.22 -9.60
CA LYS A 91 13.48 -20.86 -8.61
C LYS A 91 14.16 -20.82 -7.23
N ALA A 92 13.89 -19.77 -6.44
CA ALA A 92 14.37 -19.72 -5.06
C ALA A 92 13.19 -20.03 -4.17
N VAL A 93 13.46 -20.57 -2.99
CA VAL A 93 12.45 -20.87 -1.98
C VAL A 93 12.42 -19.77 -0.93
N HIS A 94 11.26 -19.16 -0.74
CA HIS A 94 11.06 -18.14 0.28
C HIS A 94 11.09 -18.83 1.63
N PRO A 95 12.08 -18.49 2.46
CA PRO A 95 12.28 -19.20 3.74
C PRO A 95 11.07 -19.10 4.69
N LEU A 96 10.39 -17.96 4.73
CA LEU A 96 9.31 -17.81 5.72
C LEU A 96 8.07 -18.47 5.16
N THR A 97 7.99 -18.53 3.84
CA THR A 97 6.76 -18.89 3.21
C THR A 97 6.78 -20.32 2.68
N GLY A 98 7.96 -20.80 2.30
CA GLY A 98 8.06 -22.11 1.72
C GLY A 98 7.77 -22.14 0.23
N GLU A 99 7.20 -21.06 -0.31
CA GLU A 99 6.87 -21.07 -1.73
C GLU A 99 8.06 -20.60 -2.60
N GLU A 100 8.08 -21.12 -3.83
CA GLU A 100 9.10 -20.80 -4.81
C GLU A 100 8.79 -19.45 -5.45
N ILE A 101 9.85 -18.70 -5.71
CA ILE A 101 9.75 -17.42 -6.36
C ILE A 101 10.84 -17.35 -7.44
N PRO A 102 10.53 -16.75 -8.59
CA PRO A 102 11.50 -16.70 -9.70
C PRO A 102 12.72 -15.86 -9.42
N VAL A 103 13.85 -16.29 -9.97
CA VAL A 103 15.05 -15.48 -9.93
C VAL A 103 15.20 -14.84 -11.29
N TRP A 104 15.23 -13.51 -11.35
CA TRP A 104 15.47 -12.82 -12.61
C TRP A 104 16.81 -12.13 -12.59
N ALA A 105 17.42 -12.03 -13.77
CA ALA A 105 18.57 -11.18 -14.02
C ALA A 105 18.03 -9.82 -14.45
N ALA A 106 18.63 -8.75 -13.93
CA ALA A 106 18.12 -7.40 -14.13
C ALA A 106 19.27 -6.43 -14.30
N ASN A 107 19.07 -5.44 -15.16
CA ASN A 107 20.14 -4.50 -15.45
C ASN A 107 20.40 -3.46 -14.35
N PHE A 108 19.50 -3.39 -13.40
CA PHE A 108 19.55 -2.39 -12.35
C PHE A 108 20.16 -2.90 -11.05
N VAL A 109 20.69 -4.13 -11.09
CA VAL A 109 21.37 -4.71 -9.95
C VAL A 109 22.86 -4.84 -10.26
N LEU A 110 23.71 -4.30 -9.39
CA LEU A 110 25.12 -4.34 -9.62
C LEU A 110 25.87 -5.29 -8.69
N MET A 111 27.05 -5.69 -9.17
CA MET A 111 28.00 -6.52 -8.46
C MET A 111 28.92 -5.67 -7.54
N GLU A 112 29.28 -4.46 -7.97
CA GLU A 112 30.28 -3.61 -7.27
C GLU A 112 30.05 -3.41 -5.76
N TYR A 113 28.78 -3.18 -5.39
CA TYR A 113 28.38 -2.85 -4.02
C TYR A 113 27.21 -3.74 -3.68
N GLY A 114 27.32 -4.51 -2.61
CA GLY A 114 26.32 -5.51 -2.26
C GLY A 114 26.60 -6.95 -2.68
N THR A 115 25.62 -7.82 -2.49
CA THR A 115 25.77 -9.22 -2.87
C THR A 115 25.54 -9.45 -4.37
N GLY A 116 25.14 -8.40 -5.10
CA GLY A 116 24.72 -8.54 -6.48
C GLY A 116 23.38 -9.26 -6.62
N ALA A 117 22.61 -9.27 -5.53
CA ALA A 117 21.26 -9.81 -5.53
C ALA A 117 20.37 -9.06 -4.53
N VAL A 118 19.11 -8.99 -4.87
CA VAL A 118 18.18 -8.14 -4.16
C VAL A 118 16.84 -8.85 -4.07
N MET A 119 16.13 -8.69 -2.99
CA MET A 119 14.82 -9.28 -2.92
C MET A 119 13.91 -8.19 -3.33
N ALA A 120 12.84 -8.53 -4.03
CA ALA A 120 11.96 -7.49 -4.57
C ALA A 120 10.59 -7.60 -3.96
N VAL A 121 10.01 -6.45 -3.58
CA VAL A 121 8.64 -6.36 -3.07
C VAL A 121 7.91 -5.30 -3.90
N PRO A 122 7.38 -5.72 -5.03
CA PRO A 122 6.78 -4.76 -5.95
C PRO A 122 5.50 -4.07 -5.35
N GLY A 123 4.93 -4.64 -4.31
CA GLY A 123 3.80 -3.95 -3.73
C GLY A 123 4.14 -2.65 -3.00
N HIS A 124 5.44 -2.36 -2.80
CA HIS A 124 5.88 -1.35 -1.81
C HIS A 124 7.21 -0.68 -2.15
N ASP A 125 7.81 -1.09 -3.26
CA ASP A 125 8.99 -0.39 -3.81
C ASP A 125 8.69 -0.09 -5.26
N GLN A 126 8.82 1.16 -5.68
CA GLN A 126 8.41 1.62 -7.01
C GLN A 126 9.24 1.03 -8.17
N ARG A 127 10.56 1.06 -8.07
CA ARG A 127 11.43 0.32 -8.97
C ARG A 127 10.96 -1.14 -9.12
N ASP A 128 10.77 -1.86 -8.01
CA ASP A 128 10.24 -3.22 -8.02
C ASP A 128 8.88 -3.34 -8.76
N TYR A 129 7.97 -2.40 -8.49
CA TYR A 129 6.65 -2.36 -9.13
C TYR A 129 6.74 -2.19 -10.66
N GLU A 130 7.59 -1.26 -11.13
CA GLU A 130 7.76 -1.04 -12.57
C GLU A 130 8.31 -2.28 -13.29
N PHE A 131 9.26 -2.97 -12.66
CA PHE A 131 9.84 -4.20 -13.25
C PHE A 131 8.84 -5.34 -13.32
N ALA A 132 8.07 -5.51 -12.26
CA ALA A 132 7.10 -6.57 -12.19
C ALA A 132 5.89 -6.32 -13.11
N SER A 133 5.49 -5.06 -13.26
CA SER A 133 4.39 -4.67 -14.18
C SER A 133 4.76 -5.05 -15.60
N LYS A 134 5.98 -4.70 -15.95
CA LYS A 134 6.53 -4.92 -17.27
C LYS A 134 6.69 -6.41 -17.59
N TYR A 135 7.06 -7.24 -16.61
CA TYR A 135 7.28 -8.66 -16.89
C TYR A 135 6.20 -9.66 -16.46
N GLY A 136 5.08 -9.18 -15.92
CA GLY A 136 4.01 -10.06 -15.46
C GLY A 136 4.32 -10.78 -14.14
N LEU A 137 5.23 -10.24 -13.34
CA LEU A 137 5.52 -10.88 -12.06
C LEU A 137 4.50 -10.49 -11.00
N ASN A 138 4.32 -11.35 -9.99
CA ASN A 138 3.34 -11.09 -8.95
C ASN A 138 3.69 -9.86 -8.10
N ILE A 139 2.65 -9.11 -7.76
CA ILE A 139 2.72 -7.89 -6.96
C ILE A 139 1.87 -8.18 -5.73
N LYS A 140 2.52 -8.32 -4.57
CA LYS A 140 1.86 -8.74 -3.34
C LYS A 140 1.79 -7.59 -2.36
N PRO A 141 0.57 -7.25 -1.92
CA PRO A 141 0.39 -6.25 -0.87
C PRO A 141 0.63 -6.88 0.51
N VAL A 142 1.48 -6.26 1.33
CA VAL A 142 1.66 -6.72 2.73
C VAL A 142 1.57 -5.56 3.73
N ILE A 143 1.62 -4.33 3.24
CA ILE A 143 1.43 -3.17 4.11
C ILE A 143 0.07 -2.51 3.88
N LEU A 144 -0.57 -2.04 4.95
CA LEU A 144 -1.89 -1.39 4.80
C LEU A 144 -1.72 0.11 4.55
N ALA A 145 -2.70 0.73 3.85
CA ALA A 145 -2.70 2.19 3.72
C ALA A 145 -2.85 2.81 5.09
N ALA A 146 -2.52 4.09 5.22
CA ALA A 146 -2.50 4.75 6.52
C ALA A 146 -3.88 4.94 7.15
N ASP A 147 -4.93 4.82 6.35
CA ASP A 147 -6.28 4.84 6.91
C ASP A 147 -6.73 3.42 7.23
N GLY A 148 -5.78 2.48 7.16
CA GLY A 148 -6.04 1.10 7.55
C GLY A 148 -6.83 0.28 6.55
N SER A 149 -7.01 0.82 5.34
CA SER A 149 -7.56 0.04 4.24
C SER A 149 -6.43 -0.73 3.53
N GLU A 150 -6.87 -1.71 2.77
CA GLU A 150 -6.04 -2.37 1.78
C GLU A 150 -5.49 -1.33 0.82
N PRO A 151 -4.21 -1.44 0.47
CA PRO A 151 -3.59 -0.45 -0.42
C PRO A 151 -4.16 -0.60 -1.82
N ASP A 152 -4.23 0.50 -2.56
CA ASP A 152 -4.55 0.46 -3.99
C ASP A 152 -3.26 0.20 -4.77
N LEU A 153 -3.19 -0.97 -5.43
CA LEU A 153 -2.00 -1.31 -6.21
C LEU A 153 -2.31 -1.50 -7.71
N SER A 154 -3.37 -0.83 -8.16
CA SER A 154 -3.81 -0.90 -9.54
C SER A 154 -2.84 -0.17 -10.47
N GLN A 155 -2.18 0.87 -9.94
CA GLN A 155 -1.36 1.78 -10.76
C GLN A 155 0.07 2.04 -10.27
N GLN A 156 0.31 1.94 -8.97
CA GLN A 156 1.64 2.21 -8.41
C GLN A 156 1.83 1.56 -7.03
N ALA A 157 3.08 1.54 -6.55
CA ALA A 157 3.38 0.90 -5.28
C ALA A 157 3.02 1.79 -4.09
N LEU A 158 2.59 1.17 -3.00
CA LEU A 158 2.33 1.88 -1.75
C LEU A 158 3.64 1.90 -1.00
N THR A 159 4.19 3.09 -0.93
CA THR A 159 5.56 3.29 -0.53
C THR A 159 5.69 3.60 0.96
N GLU A 160 4.58 3.90 1.61
CA GLU A 160 4.57 4.20 3.03
C GLU A 160 4.94 2.98 3.91
N LYS A 161 5.54 3.26 5.07
CA LYS A 161 5.76 2.29 6.14
C LYS A 161 4.46 2.19 6.94
N GLY A 162 4.08 0.99 7.38
CA GLY A 162 2.77 0.80 7.99
C GLY A 162 2.58 -0.56 8.65
N VAL A 163 1.32 -0.89 8.94
CA VAL A 163 0.94 -2.14 9.61
C VAL A 163 0.88 -3.23 8.55
N LEU A 164 1.48 -4.38 8.83
CA LEU A 164 1.50 -5.44 7.86
C LEU A 164 0.18 -6.18 7.87
N PHE A 165 -0.14 -6.78 6.73
CA PHE A 165 -1.24 -7.71 6.62
C PHE A 165 -0.84 -8.75 5.58
N ASN A 166 -1.56 -9.87 5.53
CA ASN A 166 -1.30 -10.90 4.53
C ASN A 166 0.19 -11.32 4.60
N SER A 167 0.67 -11.31 5.85
CA SER A 167 2.05 -11.51 6.24
C SER A 167 2.07 -12.59 7.34
N GLY A 168 1.11 -13.50 7.25
CA GLY A 168 0.95 -14.58 8.19
C GLY A 168 1.08 -14.20 9.66
N GLU A 169 2.10 -14.77 10.30
CA GLU A 169 2.25 -14.62 11.73
C GLU A 169 2.57 -13.20 12.10
N PHE A 170 2.95 -12.40 11.10
CA PHE A 170 3.45 -11.02 11.30
C PHE A 170 2.36 -9.97 11.15
N ASN A 171 1.14 -10.41 10.83
CA ASN A 171 0.02 -9.51 10.62
C ASN A 171 -0.23 -8.64 11.83
N GLY A 172 -0.67 -7.41 11.62
CA GLY A 172 -1.00 -6.58 12.76
C GLY A 172 0.17 -5.77 13.25
N LEU A 173 1.39 -6.16 12.90
CA LEU A 173 2.53 -5.46 13.44
C LEU A 173 2.75 -4.12 12.74
N ASP A 174 3.01 -3.08 13.52
CA ASP A 174 3.44 -1.78 12.95
C ASP A 174 4.87 -1.92 12.41
N HIS A 175 5.43 -0.84 11.85
CA HIS A 175 6.70 -0.94 11.12
C HIS A 175 7.87 -1.40 11.97
N GLU A 176 8.07 -0.77 13.12
CA GLU A 176 9.23 -1.13 13.91
C GLU A 176 9.06 -2.55 14.45
N ALA A 177 7.85 -2.90 14.86
CA ALA A 177 7.64 -4.24 15.37
C ALA A 177 7.87 -5.29 14.31
N ALA A 178 7.44 -5.01 13.08
CA ALA A 178 7.63 -5.95 11.96
C ALA A 178 9.10 -6.13 11.64
N PHE A 179 9.82 -5.02 11.62
CA PHE A 179 11.23 -5.03 11.31
C PHE A 179 11.89 -6.03 12.23
N ASN A 180 11.65 -5.91 13.53
CA ASN A 180 12.35 -6.77 14.48
C ASN A 180 11.82 -8.17 14.48
N ALA A 181 10.51 -8.33 14.37
CA ALA A 181 9.95 -9.67 14.47
C ALA A 181 10.41 -10.51 13.29
N ILE A 182 10.46 -9.93 12.08
CA ILE A 182 10.91 -10.68 10.89
C ILE A 182 12.44 -10.88 10.86
N ALA A 183 13.22 -9.88 11.31
CA ALA A 183 14.68 -10.06 11.42
C ALA A 183 15.01 -11.17 12.42
N ASP A 184 14.53 -11.03 13.65
CA ASP A 184 14.64 -12.07 14.68
C ASP A 184 14.23 -13.44 14.19
N LYS A 185 13.17 -13.55 13.40
CA LYS A 185 12.78 -14.89 12.96
C LYS A 185 13.80 -15.49 11.98
N LEU A 186 14.23 -14.70 11.00
CA LEU A 186 15.18 -15.18 10.01
C LEU A 186 16.53 -15.57 10.63
N THR A 187 16.99 -14.79 11.61
CA THR A 187 18.08 -15.10 12.52
C THR A 187 17.87 -16.41 13.30
N ALA A 188 16.71 -16.60 13.92
CA ALA A 188 16.51 -17.83 14.69
C ALA A 188 16.49 -19.06 13.77
N MET A 189 16.20 -18.81 12.49
CA MET A 189 16.20 -19.90 11.53
C MET A 189 17.56 -20.06 10.88
N GLY A 190 18.55 -19.30 11.37
CA GLY A 190 19.90 -19.33 10.83
C GLY A 190 20.01 -18.98 9.35
N VAL A 191 19.16 -18.06 8.90
CA VAL A 191 18.98 -17.79 7.48
C VAL A 191 19.14 -16.32 7.23
N GLY A 192 19.32 -15.56 8.31
CA GLY A 192 19.39 -14.13 8.22
C GLY A 192 20.31 -13.51 9.24
N GLU A 193 20.78 -12.32 8.95
CA GLU A 193 21.71 -11.70 9.86
C GLU A 193 21.58 -10.20 9.91
N ARG A 194 21.37 -9.65 11.09
CA ARG A 194 21.39 -8.21 11.24
C ARG A 194 22.76 -7.68 10.88
N LYS A 195 22.78 -6.48 10.30
CA LYS A 195 24.00 -5.72 10.07
C LYS A 195 23.87 -4.35 10.73
N VAL A 196 24.98 -3.80 11.21
CA VAL A 196 24.97 -2.56 11.99
C VAL A 196 25.19 -1.29 11.16
N GLU B 11 1.79 10.29 12.87
CA GLU B 11 0.72 11.05 13.60
C GLU B 11 -0.54 11.12 12.79
N GLY B 12 -1.66 10.83 13.45
CA GLY B 12 -2.96 10.85 12.82
C GLY B 12 -4.05 11.27 13.77
N VAL B 13 -5.30 11.14 13.33
CA VAL B 13 -6.43 11.51 14.16
C VAL B 13 -7.47 10.43 14.05
N GLU B 14 -8.04 10.06 15.17
CA GLU B 14 -9.12 9.09 15.22
C GLU B 14 -10.46 9.85 15.36
N ILE B 15 -11.46 9.50 14.55
CA ILE B 15 -12.69 10.31 14.47
C ILE B 15 -13.91 9.47 14.60
N THR B 16 -14.80 9.85 15.51
CA THR B 16 -16.03 9.11 15.75
C THR B 16 -17.22 9.85 15.17
N PHE B 17 -18.11 9.11 14.53
CA PHE B 17 -19.26 9.65 13.84
C PHE B 17 -20.51 9.10 14.51
N ASN B 18 -21.53 9.94 14.74
CA ASN B 18 -22.88 9.44 14.99
C ASN B 18 -23.56 9.11 13.65
N VAL B 19 -24.61 8.30 13.72
CA VAL B 19 -25.24 7.70 12.55
C VAL B 19 -26.74 7.62 12.82
N ASN B 20 -27.55 8.31 12.03
CA ASN B 20 -28.99 8.32 12.21
C ASN B 20 -29.61 6.92 12.26
N ASP B 21 -30.59 6.76 13.13
CA ASP B 21 -31.32 5.49 13.34
C ASP B 21 -30.37 4.35 13.67
N TYR B 22 -29.31 4.66 14.40
CA TYR B 22 -28.33 3.64 14.69
C TYR B 22 -27.93 3.68 16.15
N ASP B 23 -28.16 2.57 16.84
CA ASP B 23 -27.81 2.44 18.24
C ASP B 23 -26.37 2.91 18.52
N ASN B 24 -25.43 2.64 17.61
CA ASN B 24 -24.01 2.99 17.81
C ASN B 24 -23.36 4.01 16.85
N THR B 25 -22.08 4.24 17.11
CA THR B 25 -21.21 5.10 16.31
C THR B 25 -20.25 4.34 15.38
N LEU B 26 -19.62 5.09 14.47
CA LEU B 26 -18.52 4.63 13.61
C LEU B 26 -17.26 5.39 14.03
N THR B 27 -16.12 4.71 14.01
CA THR B 27 -14.85 5.41 14.22
C THR B 27 -13.98 5.16 13.04
N VAL B 28 -13.20 6.18 12.72
CA VAL B 28 -12.38 6.24 11.54
C VAL B 28 -10.99 6.70 12.00
N TYR B 29 -9.96 6.34 11.25
CA TYR B 29 -8.61 6.86 11.56
C TYR B 29 -8.01 7.47 10.32
N THR B 30 -7.40 8.64 10.43
CA THR B 30 -6.80 9.26 9.26
C THR B 30 -5.55 10.03 9.61
N THR B 31 -4.61 10.07 8.66
CA THR B 31 -3.42 10.88 8.82
C THR B 31 -3.61 12.15 8.03
N ARG B 32 -4.78 12.29 7.40
CA ARG B 32 -5.05 13.50 6.65
C ARG B 32 -6.30 14.27 7.13
N PRO B 33 -6.34 14.69 8.40
CA PRO B 33 -7.50 15.43 8.89
C PRO B 33 -7.59 16.77 8.15
N ASP B 34 -6.50 17.14 7.49
CA ASP B 34 -6.45 18.38 6.73
C ASP B 34 -7.47 18.38 5.60
N THR B 35 -7.77 17.20 5.06
CA THR B 35 -8.72 17.13 3.95
C THR B 35 -10.11 16.87 4.44
N PHE B 36 -10.31 16.94 5.75
CA PHE B 36 -11.51 16.33 6.33
C PHE B 36 -12.80 16.98 5.86
N MET B 37 -12.72 18.24 5.46
CA MET B 37 -13.92 18.93 5.01
C MET B 37 -14.37 18.40 3.66
N GLY B 38 -13.47 17.71 2.96
CA GLY B 38 -13.83 17.05 1.72
C GLY B 38 -14.38 15.66 1.90
N CYS B 39 -14.69 15.24 3.12
CA CYS B 39 -15.16 13.88 3.31
C CYS B 39 -16.63 13.84 2.95
N THR B 40 -16.99 13.06 1.93
CA THR B 40 -18.36 13.01 1.44
C THR B 40 -18.97 11.64 1.64
N TYR B 41 -18.14 10.65 1.96
CA TYR B 41 -18.73 9.37 2.36
C TYR B 41 -17.83 8.61 3.30
N LEU B 42 -18.43 7.63 3.98
CA LEU B 42 -17.70 6.68 4.80
C LEU B 42 -17.74 5.34 4.12
N ALA B 43 -16.68 4.56 4.31
CA ALA B 43 -16.69 3.15 3.87
C ALA B 43 -16.39 2.17 5.00
N VAL B 44 -17.32 1.25 5.26
CA VAL B 44 -17.09 0.16 6.23
C VAL B 44 -16.73 -1.21 5.62
N ALA B 45 -16.15 -2.08 6.45
CA ALA B 45 -15.92 -3.48 6.09
C ALA B 45 -17.23 -4.24 5.97
N ALA B 46 -17.24 -5.16 4.98
CA ALA B 46 -18.33 -6.11 4.77
C ALA B 46 -18.69 -6.79 6.07
N GLY B 47 -17.75 -6.90 7.00
CA GLY B 47 -18.05 -7.52 8.28
C GLY B 47 -18.42 -6.57 9.39
N HIS B 48 -18.68 -5.30 9.09
CA HIS B 48 -18.98 -4.31 10.14
C HIS B 48 -20.35 -4.53 10.76
N PRO B 49 -20.45 -4.47 12.09
CA PRO B 49 -21.76 -4.60 12.72
C PRO B 49 -22.79 -3.74 11.96
N LEU B 50 -22.45 -2.51 11.55
CA LEU B 50 -23.39 -1.65 10.85
C LEU B 50 -23.79 -2.28 9.55
N ALA B 51 -22.83 -2.85 8.84
CA ALA B 51 -23.14 -3.53 7.59
C ALA B 51 -24.13 -4.68 7.85
N GLN B 52 -23.87 -5.48 8.90
CA GLN B 52 -24.77 -6.53 9.37
C GLN B 52 -26.17 -6.07 9.80
N LYS B 53 -26.24 -5.06 10.65
CA LYS B 53 -27.52 -4.43 11.00
C LYS B 53 -28.30 -3.98 9.75
N ALA B 54 -27.59 -3.55 8.71
CA ALA B 54 -28.23 -3.12 7.46
C ALA B 54 -28.55 -4.29 6.54
N ALA B 55 -27.82 -5.39 6.70
CA ALA B 55 -28.05 -6.59 5.88
C ALA B 55 -29.49 -7.10 6.04
N GLU B 56 -29.92 -7.18 7.31
CA GLU B 56 -31.24 -7.64 7.73
C GLU B 56 -32.31 -7.31 6.70
N ASN B 57 -32.37 -6.04 6.29
CA ASN B 57 -33.35 -5.60 5.30
C ASN B 57 -32.71 -4.96 4.05
N ASN B 58 -31.91 -5.77 3.36
CA ASN B 58 -31.31 -5.45 2.07
C ASN B 58 -30.57 -6.68 1.58
N PRO B 59 -31.26 -7.50 0.78
CA PRO B 59 -30.68 -8.75 0.29
C PRO B 59 -29.48 -8.55 -0.63
N GLU B 60 -29.43 -7.45 -1.37
CA GLU B 60 -28.27 -7.18 -2.23
C GLU B 60 -27.01 -6.96 -1.38
N LEU B 61 -27.16 -6.29 -0.24
CA LEU B 61 -26.09 -6.24 0.76
C LEU B 61 -25.67 -7.67 1.15
N ALA B 62 -26.63 -8.52 1.53
CA ALA B 62 -26.34 -9.93 1.84
C ALA B 62 -25.58 -10.60 0.70
N ALA B 63 -25.99 -10.34 -0.54
CA ALA B 63 -25.28 -10.88 -1.70
C ALA B 63 -23.81 -10.48 -1.62
N PHE B 64 -23.56 -9.18 -1.47
CA PHE B 64 -22.22 -8.61 -1.37
C PHE B 64 -21.39 -9.12 -0.18
N ILE B 65 -22.02 -9.25 0.99
CA ILE B 65 -21.31 -9.74 2.17
C ILE B 65 -20.82 -11.16 1.94
N ASP B 66 -21.75 -12.04 1.59
CA ASP B 66 -21.45 -13.45 1.37
C ASP B 66 -20.35 -13.60 0.31
N GLU B 67 -20.48 -12.84 -0.78
CA GLU B 67 -19.51 -12.80 -1.87
C GLU B 67 -18.11 -12.39 -1.41
N CYS B 68 -18.05 -11.43 -0.47
CA CYS B 68 -16.78 -10.91 0.07
C CYS B 68 -16.06 -11.91 0.98
N ARG B 69 -16.59 -13.13 1.12
CA ARG B 69 -16.07 -14.07 2.15
C ARG B 69 -16.11 -15.53 1.71
N THR B 80 -4.57 -3.80 -6.94
CA THR B 80 -4.51 -4.44 -8.25
C THR B 80 -5.83 -5.14 -8.65
N MET B 81 -6.77 -5.29 -7.71
CA MET B 81 -8.11 -5.82 -8.00
C MET B 81 -9.13 -4.68 -8.14
N GLU B 82 -10.38 -5.06 -8.45
CA GLU B 82 -11.43 -4.07 -8.74
C GLU B 82 -12.39 -3.79 -7.58
N LYS B 83 -12.19 -2.61 -6.96
CA LYS B 83 -13.01 -2.09 -5.85
C LYS B 83 -14.53 -2.13 -6.06
N LYS B 84 -15.24 -2.65 -5.06
CA LYS B 84 -16.67 -2.92 -5.15
C LYS B 84 -17.39 -2.41 -3.90
N GLY B 85 -18.70 -2.29 -3.97
CA GLY B 85 -19.42 -1.83 -2.81
C GLY B 85 -20.92 -1.73 -2.97
N VAL B 86 -21.61 -1.50 -1.86
CA VAL B 86 -23.06 -1.39 -1.83
C VAL B 86 -23.40 -0.44 -0.70
N ASP B 87 -24.26 0.53 -1.01
CA ASP B 87 -24.76 1.50 -0.04
C ASP B 87 -25.41 0.72 1.10
N THR B 88 -25.15 1.11 2.34
CA THR B 88 -25.82 0.44 3.44
C THR B 88 -27.22 0.97 3.65
N GLY B 89 -27.52 2.16 3.10
CA GLY B 89 -28.71 2.92 3.48
C GLY B 89 -28.49 3.88 4.65
N PHE B 90 -27.42 3.67 5.41
CA PHE B 90 -27.16 4.47 6.59
C PHE B 90 -26.46 5.78 6.29
N LYS B 91 -26.81 6.78 7.07
CA LYS B 91 -26.27 8.12 6.92
C LYS B 91 -25.49 8.53 8.17
N ALA B 92 -24.26 9.03 7.98
CA ALA B 92 -23.48 9.52 9.10
C ALA B 92 -23.46 11.06 9.12
N VAL B 93 -23.30 11.65 10.29
CA VAL B 93 -23.39 13.09 10.39
C VAL B 93 -21.98 13.66 10.44
N HIS B 94 -21.63 14.45 9.44
CA HIS B 94 -20.30 15.05 9.43
C HIS B 94 -20.21 16.09 10.56
N PRO B 95 -19.37 15.82 11.55
CA PRO B 95 -19.31 16.65 12.76
C PRO B 95 -19.01 18.11 12.49
N LEU B 96 -18.36 18.43 11.39
CA LEU B 96 -18.00 19.82 11.15
C LEU B 96 -18.90 20.48 10.14
N THR B 97 -19.39 19.68 9.21
CA THR B 97 -20.15 20.16 8.08
C THR B 97 -21.61 20.20 8.47
N GLY B 98 -22.01 19.31 9.37
CA GLY B 98 -23.41 19.19 9.74
C GLY B 98 -24.17 18.25 8.83
N GLU B 99 -23.62 17.92 7.66
CA GLU B 99 -24.43 17.14 6.72
C GLU B 99 -24.27 15.64 6.74
N GLU B 100 -25.34 14.98 6.31
CA GLU B 100 -25.40 13.54 6.20
C GLU B 100 -24.65 13.07 4.99
N ILE B 101 -23.68 12.19 5.23
CA ILE B 101 -22.87 11.61 4.16
C ILE B 101 -23.14 10.10 4.19
N PRO B 102 -23.27 9.47 3.03
CA PRO B 102 -23.76 8.09 2.99
C PRO B 102 -22.74 7.09 3.56
N VAL B 103 -23.20 5.91 3.99
CA VAL B 103 -22.26 4.91 4.48
C VAL B 103 -22.30 3.68 3.57
N TRP B 104 -21.13 3.37 3.01
CA TRP B 104 -20.96 2.29 2.05
C TRP B 104 -20.13 1.10 2.57
N ALA B 105 -20.68 -0.10 2.43
CA ALA B 105 -19.86 -1.32 2.54
C ALA B 105 -18.95 -1.34 1.33
N ALA B 106 -17.72 -1.79 1.56
CA ALA B 106 -16.69 -1.70 0.54
C ALA B 106 -15.76 -2.90 0.69
N ASN B 107 -15.36 -3.48 -0.44
CA ASN B 107 -14.52 -4.70 -0.40
C ASN B 107 -13.05 -4.49 -0.02
N PHE B 108 -12.59 -3.25 0.14
CA PHE B 108 -11.20 -2.98 0.52
C PHE B 108 -11.06 -2.46 1.96
N VAL B 109 -12.15 -2.48 2.71
CA VAL B 109 -12.05 -2.16 4.13
C VAL B 109 -12.13 -3.44 4.94
N LEU B 110 -11.20 -3.57 5.86
CA LEU B 110 -11.10 -4.76 6.69
C LEU B 110 -11.54 -4.52 8.10
N MET B 111 -12.09 -5.57 8.68
CA MET B 111 -12.36 -5.54 10.12
C MET B 111 -11.08 -5.60 10.95
N GLU B 112 -10.24 -6.56 10.64
CA GLU B 112 -9.03 -6.86 11.41
C GLU B 112 -8.05 -5.71 11.36
N TYR B 113 -7.32 -5.51 12.47
CA TYR B 113 -6.22 -4.53 12.58
C TYR B 113 -6.61 -3.07 12.65
N GLY B 114 -7.90 -2.76 12.51
CA GLY B 114 -8.34 -1.40 12.81
C GLY B 114 -9.79 -1.27 13.27
N THR B 115 -10.40 -0.16 12.84
CA THR B 115 -11.79 0.24 13.14
C THR B 115 -12.87 -0.30 12.20
N GLY B 116 -12.48 -0.85 11.04
CA GLY B 116 -13.44 -1.32 10.05
C GLY B 116 -14.16 -0.20 9.30
N ALA B 117 -13.67 1.02 9.41
CA ALA B 117 -14.27 2.16 8.71
C ALA B 117 -13.24 3.18 8.28
N VAL B 118 -13.34 3.68 7.04
CA VAL B 118 -12.47 4.78 6.60
C VAL B 118 -13.25 6.02 6.18
N MET B 119 -12.67 7.19 6.38
CA MET B 119 -13.26 8.40 5.83
C MET B 119 -12.69 8.45 4.42
N ALA B 120 -13.57 8.66 3.45
CA ALA B 120 -13.15 8.79 2.07
C ALA B 120 -13.29 10.25 1.69
N VAL B 121 -12.22 10.82 1.14
CA VAL B 121 -12.25 12.15 0.59
C VAL B 121 -11.95 12.04 -0.92
N PRO B 122 -12.93 11.68 -1.76
CA PRO B 122 -12.63 11.25 -3.14
C PRO B 122 -12.09 12.40 -3.95
N GLY B 123 -12.25 13.62 -3.46
CA GLY B 123 -11.53 14.72 -4.05
C GLY B 123 -10.01 14.65 -4.09
N HIS B 124 -9.41 13.95 -3.14
CA HIS B 124 -7.94 14.09 -2.97
C HIS B 124 -7.16 12.80 -2.71
N ASP B 125 -7.83 11.69 -2.99
CA ASP B 125 -7.35 10.36 -2.76
C ASP B 125 -7.84 9.52 -3.90
N GLN B 126 -6.90 8.96 -4.64
CA GLN B 126 -7.26 8.40 -5.90
C GLN B 126 -8.17 7.19 -5.78
N ARG B 127 -7.97 6.29 -4.79
CA ARG B 127 -8.83 5.10 -4.64
C ARG B 127 -10.24 5.59 -4.26
N ASP B 128 -10.27 6.58 -3.38
CA ASP B 128 -11.52 7.20 -2.94
C ASP B 128 -12.23 7.75 -4.15
N TYR B 129 -11.49 8.50 -4.99
CA TYR B 129 -12.04 9.09 -6.21
C TYR B 129 -12.71 8.06 -7.09
N GLU B 130 -12.00 7.00 -7.40
CA GLU B 130 -12.44 6.00 -8.37
C GLU B 130 -13.69 5.25 -7.90
N PHE B 131 -13.80 5.13 -6.58
CA PHE B 131 -14.92 4.44 -5.97
C PHE B 131 -16.19 5.32 -6.02
N ALA B 132 -16.02 6.61 -5.75
CA ALA B 132 -17.10 7.59 -5.89
C ALA B 132 -17.62 7.60 -7.34
N SER B 133 -16.69 7.80 -8.28
CA SER B 133 -16.96 7.74 -9.73
C SER B 133 -17.79 6.53 -10.15
N LYS B 134 -17.44 5.35 -9.67
CA LYS B 134 -18.13 4.15 -10.11
C LYS B 134 -19.54 4.08 -9.48
N TYR B 135 -19.70 4.69 -8.31
CA TYR B 135 -20.92 4.48 -7.54
C TYR B 135 -21.79 5.71 -7.42
N GLY B 136 -21.30 6.81 -8.00
CA GLY B 136 -22.02 8.06 -8.09
C GLY B 136 -22.05 8.86 -6.80
N LEU B 137 -20.89 9.25 -6.27
CA LEU B 137 -20.84 9.95 -4.99
C LEU B 137 -20.22 11.34 -5.12
N ASN B 138 -20.65 12.25 -4.26
CA ASN B 138 -20.20 13.62 -4.36
C ASN B 138 -18.70 13.66 -4.27
N ILE B 139 -18.04 14.16 -5.30
CA ILE B 139 -16.60 14.40 -5.23
C ILE B 139 -16.41 15.86 -4.94
N LYS B 140 -15.90 16.20 -3.76
CA LYS B 140 -15.81 17.61 -3.33
C LYS B 140 -14.38 18.04 -3.08
N PRO B 141 -13.93 19.06 -3.81
CA PRO B 141 -12.57 19.62 -3.66
C PRO B 141 -12.47 20.54 -2.47
N VAL B 142 -11.34 20.49 -1.76
CA VAL B 142 -11.08 21.31 -0.58
C VAL B 142 -9.62 21.77 -0.52
N ILE B 143 -8.78 21.25 -1.43
CA ILE B 143 -7.39 21.74 -1.56
C ILE B 143 -7.19 22.49 -2.86
N LEU B 144 -6.48 23.61 -2.78
CA LEU B 144 -6.10 24.39 -3.95
C LEU B 144 -4.86 23.82 -4.65
N ALA B 145 -4.84 23.89 -5.99
CA ALA B 145 -3.61 23.66 -6.79
C ALA B 145 -2.47 24.55 -6.27
N ALA B 146 -1.23 24.28 -6.69
CA ALA B 146 -0.08 25.05 -6.17
C ALA B 146 -0.08 26.48 -6.71
N ASP B 147 -0.77 26.71 -7.83
CA ASP B 147 -0.96 28.08 -8.34
C ASP B 147 -2.13 28.80 -7.70
N GLY B 148 -2.64 28.25 -6.60
CA GLY B 148 -3.74 28.84 -5.86
C GLY B 148 -5.08 28.72 -6.58
N SER B 149 -5.14 27.86 -7.59
CA SER B 149 -6.36 27.70 -8.39
C SER B 149 -7.14 26.42 -8.08
N GLU B 150 -8.45 26.52 -8.25
CA GLU B 150 -9.34 25.41 -8.03
C GLU B 150 -9.00 24.21 -8.90
N PRO B 151 -8.77 23.08 -8.24
CA PRO B 151 -8.42 21.82 -8.89
C PRO B 151 -9.38 21.39 -9.99
N ASP B 152 -8.84 20.71 -10.99
CA ASP B 152 -9.66 20.08 -12.02
C ASP B 152 -9.84 18.61 -11.65
N LEU B 153 -11.02 18.32 -11.12
CA LEU B 153 -11.35 16.99 -10.64
C LEU B 153 -12.22 16.22 -11.61
N SER B 154 -12.21 16.64 -12.88
CA SER B 154 -13.06 16.03 -13.90
C SER B 154 -12.59 14.67 -14.36
N GLN B 155 -11.27 14.44 -14.33
CA GLN B 155 -10.70 13.16 -14.78
C GLN B 155 -10.18 12.29 -13.62
N GLN B 156 -9.50 12.94 -12.66
CA GLN B 156 -8.95 12.25 -11.49
C GLN B 156 -8.83 13.15 -10.26
N ALA B 157 -8.50 12.56 -9.13
CA ALA B 157 -8.25 13.23 -7.85
C ALA B 157 -6.95 14.06 -7.83
N LEU B 158 -6.94 15.14 -7.05
CA LEU B 158 -5.73 15.92 -6.84
C LEU B 158 -5.11 15.46 -5.53
N THR B 159 -4.06 14.65 -5.62
CA THR B 159 -3.41 14.11 -4.43
C THR B 159 -2.26 14.95 -3.90
N GLU B 160 -2.25 16.24 -4.17
CA GLU B 160 -1.23 17.12 -3.63
C GLU B 160 -1.65 17.62 -2.24
N LYS B 161 -0.70 18.15 -1.48
CA LYS B 161 -0.99 18.74 -0.18
C LYS B 161 -0.90 20.25 -0.34
N GLY B 162 -2.05 20.92 -0.39
CA GLY B 162 -2.08 22.36 -0.62
C GLY B 162 -2.81 23.20 0.41
N VAL B 163 -3.14 24.42 -0.01
CA VAL B 163 -3.93 25.33 0.81
C VAL B 163 -5.42 24.97 0.73
N LEU B 164 -6.12 25.20 1.84
CA LEU B 164 -7.55 24.85 2.01
C LEU B 164 -8.50 25.90 1.42
N PHE B 165 -9.60 25.40 0.85
CA PHE B 165 -10.68 26.22 0.40
C PHE B 165 -11.93 25.34 0.52
N ASN B 166 -13.12 25.93 0.52
CA ASN B 166 -14.34 25.13 0.57
C ASN B 166 -14.45 24.37 1.90
N SER B 167 -13.80 24.93 2.91
CA SER B 167 -13.62 24.26 4.18
C SER B 167 -14.06 25.15 5.35
N GLY B 168 -14.91 26.13 5.06
CA GLY B 168 -15.43 27.01 6.12
C GLY B 168 -14.33 27.80 6.81
N GLU B 169 -14.37 27.82 8.14
CA GLU B 169 -13.38 28.53 8.97
C GLU B 169 -11.94 28.05 8.83
N PHE B 170 -11.72 26.94 8.15
CA PHE B 170 -10.35 26.48 7.97
C PHE B 170 -9.75 27.00 6.68
N ASN B 171 -10.46 27.87 5.96
CA ASN B 171 -10.02 28.28 4.63
C ASN B 171 -8.64 28.93 4.61
N GLY B 172 -7.84 28.61 3.61
CA GLY B 172 -6.56 29.27 3.42
C GLY B 172 -5.43 28.86 4.33
N LEU B 173 -5.68 27.93 5.23
CA LEU B 173 -4.59 27.30 5.98
C LEU B 173 -3.90 26.27 5.08
N ASP B 174 -2.58 26.16 5.20
CA ASP B 174 -1.79 25.15 4.48
C ASP B 174 -1.90 23.78 5.15
N HIS B 175 -1.48 22.73 4.45
CA HIS B 175 -1.55 21.36 4.97
C HIS B 175 -1.29 21.22 6.48
N GLU B 176 -0.25 21.91 6.95
CA GLU B 176 0.27 21.80 8.30
C GLU B 176 -0.62 22.41 9.38
N ALA B 177 -1.09 23.63 9.15
CA ALA B 177 -1.88 24.33 10.14
C ALA B 177 -3.32 23.83 10.08
N ALA B 178 -3.74 23.44 8.88
CA ALA B 178 -5.01 22.77 8.67
C ALA B 178 -5.09 21.48 9.50
N PHE B 179 -4.13 20.57 9.30
CA PHE B 179 -3.94 19.42 10.17
C PHE B 179 -4.21 19.75 11.64
N ASN B 180 -3.48 20.73 12.14
CA ASN B 180 -3.57 21.09 13.55
C ASN B 180 -4.91 21.68 13.94
N ALA B 181 -5.43 22.58 13.12
CA ALA B 181 -6.73 23.21 13.36
C ALA B 181 -7.89 22.19 13.45
N ILE B 182 -8.02 21.36 12.42
CA ILE B 182 -9.09 20.37 12.37
C ILE B 182 -8.95 19.34 13.49
N ALA B 183 -7.72 18.94 13.81
CA ALA B 183 -7.48 18.03 14.94
C ALA B 183 -7.86 18.67 16.28
N ASP B 184 -7.40 19.91 16.49
CA ASP B 184 -7.74 20.68 17.69
C ASP B 184 -9.24 20.81 17.84
N LYS B 185 -9.90 21.14 16.74
CA LYS B 185 -11.34 21.38 16.75
C LYS B 185 -12.06 20.10 17.18
N LEU B 186 -11.74 18.98 16.52
CA LEU B 186 -12.37 17.68 16.83
C LEU B 186 -12.05 17.21 18.25
N THR B 187 -10.81 17.47 18.68
CA THR B 187 -10.35 17.24 20.06
C THR B 187 -11.23 18.05 21.02
N ALA B 188 -11.26 19.36 20.83
CA ALA B 188 -12.09 20.27 21.63
C ALA B 188 -13.57 19.86 21.70
N MET B 189 -14.11 19.29 20.62
CA MET B 189 -15.53 18.84 20.56
C MET B 189 -15.76 17.47 21.15
N GLY B 190 -14.69 16.75 21.44
CA GLY B 190 -14.81 15.43 22.02
C GLY B 190 -15.11 14.39 20.96
N VAL B 191 -14.92 14.76 19.69
CA VAL B 191 -15.27 13.91 18.54
C VAL B 191 -14.05 13.20 17.97
N GLY B 192 -12.89 13.86 18.00
CA GLY B 192 -11.66 13.29 17.49
C GLY B 192 -10.54 13.28 18.51
N GLU B 193 -9.45 12.59 18.18
CA GLU B 193 -8.34 12.38 19.12
C GLU B 193 -7.09 12.14 18.34
N ARG B 194 -6.01 12.83 18.72
CA ARG B 194 -4.73 12.68 18.04
C ARG B 194 -4.10 11.36 18.48
N LYS B 195 -3.72 10.54 17.51
CA LYS B 195 -3.23 9.22 17.87
C LYS B 195 -1.77 9.14 17.55
N MET C . 13.73 -4.14 -2.74
CA MET C . 13.47 -3.38 -1.51
C MET C . 14.55 -3.61 -0.45
O MET C . 14.73 -2.79 0.46
CB MET C . 12.03 -3.69 -1.07
CG MET C . 11.68 -3.19 0.33
SD MET C . 10.28 -2.14 0.28
CE MET C . 9.04 -3.09 -0.54
OXT MET C . 15.26 -4.65 -0.46
N MET D . -9.24 8.18 2.86
CA MET D . -8.04 8.99 3.07
C MET D . -7.55 8.92 4.53
O MET D . -6.38 9.20 4.81
CB MET D . -8.33 10.41 2.55
CG MET D . -7.46 11.51 3.15
SD MET D . -6.42 12.21 1.94
CE MET D . -7.52 12.73 0.66
OXT MET D . -8.33 8.63 5.45
#